data_5N85
#
_entry.id   5N85
#
_cell.length_a   37.860
_cell.length_b   53.090
_cell.length_c   54.630
_cell.angle_alpha   90.000
_cell.angle_beta   90.000
_cell.angle_gamma   90.000
#
_symmetry.space_group_name_H-M   'P 21 21 21'
#
loop_
_entity.id
_entity.type
_entity.pdbx_description
1 polymer 'Replication protein A 70 kDa DNA-binding subunit'
2 polymer 'DNA-directed primase/polymerase protein'
3 water water
#
loop_
_entity_poly.entity_id
_entity_poly.type
_entity_poly.pdbx_seq_one_letter_code
_entity_poly.pdbx_strand_id
1 'polypeptide(L)'
;GSHMVGQLSRGAIAAIMQKGDTNIKPILQVINIRPITTGNSPPRYRLLMSDGLNTLSSFMLATQLNPLVEEEQLSSNCVC
QIHRFIVNTLKDGRRVVILMELEVLKSAEAVGVKIGNPVPYNE
;
A
2 'polypeptide(L)' DNGIDDAYFLEATED B
#
# COMPACT_ATOMS: atom_id res chain seq x y z
N HIS A 3 5.18 21.51 -5.89
CA HIS A 3 3.89 20.85 -6.00
C HIS A 3 4.09 19.33 -6.08
N MET A 4 4.84 18.78 -5.11
CA MET A 4 5.16 17.36 -5.16
CA MET A 4 5.17 17.36 -5.11
C MET A 4 3.92 16.49 -5.01
N VAL A 5 2.91 16.96 -4.26
CA VAL A 5 1.70 16.17 -4.08
C VAL A 5 0.97 15.96 -5.41
N GLY A 6 1.24 16.80 -6.41
CA GLY A 6 0.68 16.59 -7.73
C GLY A 6 1.15 15.32 -8.41
N GLN A 7 2.21 14.70 -7.91
CA GLN A 7 2.69 13.44 -8.45
C GLN A 7 1.87 12.23 -8.01
N LEU A 8 1.00 12.40 -7.00
CA LEU A 8 0.27 11.31 -6.38
C LEU A 8 -1.22 11.38 -6.75
N SER A 9 -1.85 10.21 -6.82
CA SER A 9 -3.27 10.09 -7.18
C SER A 9 -4.13 10.47 -5.98
N ARG A 10 -4.19 11.77 -5.71
CA ARG A 10 -4.99 12.25 -4.58
C ARG A 10 -6.44 11.83 -4.72
N GLY A 11 -6.97 11.18 -3.69
CA GLY A 11 -8.32 10.66 -3.70
C GLY A 11 -8.44 9.21 -4.09
N ALA A 12 -7.35 8.58 -4.53
CA ALA A 12 -7.43 7.18 -4.94
C ALA A 12 -7.79 6.28 -3.76
N ILE A 13 -7.25 6.56 -2.57
CA ILE A 13 -7.53 5.72 -1.42
C ILE A 13 -9.03 5.74 -1.10
N ALA A 14 -9.61 6.94 -1.07
CA ALA A 14 -11.04 7.05 -0.82
C ALA A 14 -11.86 6.34 -1.89
N ALA A 15 -11.44 6.46 -3.15
CA ALA A 15 -12.16 5.79 -4.23
C ALA A 15 -12.11 4.27 -4.07
N ILE A 16 -10.96 3.74 -3.67
CA ILE A 16 -10.83 2.30 -3.46
C ILE A 16 -11.73 1.86 -2.31
N MET A 17 -11.65 2.58 -1.18
CA MET A 17 -12.34 2.14 0.03
C MET A 17 -13.84 2.40 -0.02
N GLN A 18 -14.27 3.47 -0.69
CA GLN A 18 -15.68 3.83 -0.70
C GLN A 18 -16.43 3.26 -1.91
N LYS A 19 -15.83 3.31 -3.10
CA LYS A 19 -16.51 2.88 -4.31
C LYS A 19 -16.18 1.45 -4.72
N GLY A 20 -15.16 0.84 -4.12
CA GLY A 20 -14.70 -0.44 -4.59
C GLY A 20 -14.04 -0.41 -5.94
N ASP A 21 -13.73 0.79 -6.44
CA ASP A 21 -13.05 0.97 -7.72
C ASP A 21 -11.73 0.22 -7.74
N THR A 22 -11.59 -0.72 -8.68
CA THR A 22 -10.33 -1.42 -8.88
C THR A 22 -9.85 -1.35 -10.33
N ASN A 23 -10.47 -0.53 -11.17
CA ASN A 23 -9.97 -0.31 -12.52
C ASN A 23 -8.93 0.80 -12.59
N ILE A 24 -8.77 1.58 -11.52
CA ILE A 24 -7.79 2.65 -11.53
C ILE A 24 -6.38 2.07 -11.39
N LYS A 25 -5.40 2.84 -11.82
CA LYS A 25 -3.99 2.47 -11.64
C LYS A 25 -3.30 3.59 -10.86
N PRO A 26 -3.57 3.69 -9.56
CA PRO A 26 -3.20 4.91 -8.83
C PRO A 26 -1.70 4.98 -8.59
N ILE A 27 -1.19 6.21 -8.49
CA ILE A 27 0.19 6.45 -8.17
C ILE A 27 0.27 6.82 -6.69
N LEU A 28 0.99 6.01 -5.93
CA LEU A 28 1.02 6.11 -4.49
C LEU A 28 2.47 6.22 -4.00
N GLN A 29 2.63 6.72 -2.78
CA GLN A 29 3.94 6.73 -2.14
C GLN A 29 3.93 5.76 -0.97
N VAL A 30 4.96 4.93 -0.89
CA VAL A 30 5.18 4.08 0.27
C VAL A 30 5.66 4.95 1.43
N ILE A 31 4.93 4.92 2.54
CA ILE A 31 5.38 5.61 3.75
C ILE A 31 6.16 4.66 4.65
N ASN A 32 5.68 3.43 4.80
CA ASN A 32 6.35 2.46 5.66
C ASN A 32 6.06 1.06 5.14
N ILE A 33 7.03 0.17 5.33
CA ILE A 33 6.87 -1.26 5.07
C ILE A 33 7.38 -2.00 6.29
N ARG A 34 6.67 -3.04 6.70
CA ARG A 34 7.20 -3.90 7.74
C ARG A 34 6.70 -5.30 7.52
N PRO A 35 7.47 -6.32 7.89
CA PRO A 35 6.96 -7.68 7.84
C PRO A 35 5.90 -7.87 8.93
N ILE A 36 4.93 -8.72 8.63
CA ILE A 36 3.91 -9.05 9.60
C ILE A 36 4.14 -10.49 10.04
N THR A 37 3.78 -10.77 11.31
CA THR A 37 4.00 -12.08 11.88
C THR A 37 3.21 -13.13 11.11
N THR A 38 3.92 -14.11 10.56
CA THR A 38 3.33 -15.10 9.65
C THR A 38 3.30 -16.48 10.28
N GLY A 39 4.46 -17.12 10.43
CA GLY A 39 4.59 -18.52 10.75
C GLY A 39 5.60 -19.15 9.82
N ASN A 40 5.48 -20.46 9.62
CA ASN A 40 6.38 -21.19 8.73
C ASN A 40 5.78 -21.19 7.34
N SER A 41 6.15 -20.18 6.55
CA SER A 41 5.66 -19.92 5.20
C SER A 41 6.36 -18.64 4.72
N PRO A 42 6.19 -18.24 3.46
CA PRO A 42 6.79 -16.98 3.00
C PRO A 42 6.41 -15.83 3.88
N PRO A 43 7.32 -14.89 4.13
CA PRO A 43 6.96 -13.69 4.87
C PRO A 43 5.95 -12.86 4.10
N ARG A 44 5.15 -12.09 4.84
CA ARG A 44 4.20 -11.16 4.25
C ARG A 44 4.59 -9.74 4.65
N TYR A 45 4.31 -8.79 3.76
CA TYR A 45 4.69 -7.41 3.96
C TYR A 45 3.45 -6.52 3.94
N ARG A 46 3.34 -5.68 4.95
CA ARG A 46 2.26 -4.71 5.09
C ARG A 46 2.82 -3.32 4.81
N LEU A 47 2.02 -2.48 4.15
CA LEU A 47 2.49 -1.17 3.74
C LEU A 47 1.56 -0.08 4.26
N LEU A 48 2.16 1.00 4.76
CA LEU A 48 1.46 2.26 4.97
C LEU A 48 1.67 3.08 3.70
N MET A 49 0.61 3.27 2.92
CA MET A 49 0.74 3.98 1.67
CA MET A 49 0.68 3.96 1.64
C MET A 49 -0.04 5.29 1.71
N SER A 50 0.36 6.21 0.84
CA SER A 50 -0.22 7.55 0.78
C SER A 50 -0.59 7.88 -0.66
N ASP A 51 -1.72 8.55 -0.84
CA ASP A 51 -2.10 9.08 -2.14
C ASP A 51 -1.94 10.60 -2.21
N GLY A 52 -1.24 11.18 -1.25
CA GLY A 52 -1.09 12.61 -1.15
C GLY A 52 -2.13 13.29 -0.29
N LEU A 53 -3.34 12.73 -0.20
CA LEU A 53 -4.39 13.23 0.67
C LEU A 53 -4.56 12.38 1.92
N ASN A 54 -4.62 11.06 1.75
CA ASN A 54 -4.81 10.13 2.86
C ASN A 54 -3.65 9.14 2.91
N THR A 55 -3.44 8.59 4.10
CA THR A 55 -2.66 7.38 4.27
C THR A 55 -3.58 6.23 4.66
N LEU A 56 -3.11 5.02 4.40
CA LEU A 56 -3.88 3.82 4.73
C LEU A 56 -2.88 2.72 5.07
N SER A 57 -3.06 2.09 6.22
CA SER A 57 -2.13 1.06 6.68
C SER A 57 -2.58 -0.35 6.31
N SER A 58 -3.68 -0.50 5.59
CA SER A 58 -4.27 -1.81 5.31
CA SER A 58 -4.27 -1.80 5.30
C SER A 58 -3.86 -2.35 3.94
N PHE A 59 -2.67 -2.01 3.46
CA PHE A 59 -2.16 -2.55 2.21
C PHE A 59 -1.29 -3.76 2.51
N MET A 60 -1.51 -4.84 1.75
CA MET A 60 -0.73 -6.06 1.84
CA MET A 60 -0.71 -6.04 1.85
C MET A 60 -0.09 -6.34 0.49
N LEU A 61 1.15 -6.80 0.52
CA LEU A 61 1.87 -7.13 -0.70
C LEU A 61 1.67 -8.61 -1.02
N ALA A 62 1.30 -8.90 -2.27
CA ALA A 62 1.26 -10.29 -2.72
C ALA A 62 2.64 -10.90 -2.59
N THR A 63 2.67 -12.19 -2.22
CA THR A 63 3.94 -12.86 -1.95
CA THR A 63 3.96 -12.83 -1.93
C THR A 63 4.87 -12.84 -3.15
N GLN A 64 4.31 -12.88 -4.36
CA GLN A 64 5.13 -12.86 -5.56
C GLN A 64 5.90 -11.55 -5.74
N LEU A 65 5.54 -10.50 -5.01
CA LEU A 65 6.25 -9.24 -5.06
C LEU A 65 7.25 -9.07 -3.92
N ASN A 66 7.39 -10.07 -3.06
CA ASN A 66 8.38 -10.00 -1.98
C ASN A 66 9.78 -9.63 -2.43
N PRO A 67 10.32 -10.12 -3.57
CA PRO A 67 11.67 -9.69 -3.97
C PRO A 67 11.85 -8.17 -4.06
N LEU A 68 10.81 -7.43 -4.42
CA LEU A 68 10.94 -5.98 -4.52
CA LEU A 68 10.94 -5.98 -4.52
C LEU A 68 11.29 -5.35 -3.19
N VAL A 69 10.76 -5.90 -2.10
CA VAL A 69 11.08 -5.40 -0.75
C VAL A 69 12.42 -5.95 -0.29
N GLU A 70 12.67 -7.24 -0.52
CA GLU A 70 13.86 -7.88 -0.01
C GLU A 70 15.12 -7.50 -0.77
N GLU A 71 14.99 -6.99 -1.99
CA GLU A 71 16.13 -6.42 -2.73
C GLU A 71 16.11 -4.89 -2.71
N GLU A 72 15.16 -4.29 -1.98
CA GLU A 72 15.17 -2.89 -1.56
C GLU A 72 14.81 -1.90 -2.67
N GLN A 73 14.19 -2.35 -3.77
CA GLN A 73 13.69 -1.36 -4.72
C GLN A 73 12.35 -0.78 -4.29
N LEU A 74 11.58 -1.53 -3.51
CA LEU A 74 10.33 -1.07 -2.92
C LEU A 74 10.61 -0.78 -1.46
N SER A 75 10.74 0.50 -1.12
CA SER A 75 11.08 0.89 0.24
C SER A 75 10.42 2.22 0.56
N SER A 76 10.43 2.56 1.85
CA SER A 76 9.81 3.78 2.34
CA SER A 76 9.81 3.79 2.33
C SER A 76 10.31 4.98 1.55
N ASN A 77 9.36 5.81 1.10
CA ASN A 77 9.51 7.07 0.37
C ASN A 77 9.39 6.89 -1.14
N CYS A 78 9.52 5.66 -1.63
CA CYS A 78 9.45 5.48 -3.08
C CYS A 78 8.03 5.74 -3.59
N VAL A 79 7.93 6.06 -4.88
CA VAL A 79 6.67 6.36 -5.54
C VAL A 79 6.41 5.29 -6.58
N CYS A 80 5.22 4.67 -6.50
N CYS A 80 5.24 4.66 -6.49
CA CYS A 80 4.90 3.53 -7.35
CA CYS A 80 4.87 3.55 -7.36
C CYS A 80 3.47 3.64 -7.87
C CYS A 80 3.56 3.87 -8.06
N GLN A 81 3.22 3.00 -9.02
CA GLN A 81 1.90 2.99 -9.63
C GLN A 81 1.36 1.57 -9.52
N ILE A 82 0.15 1.43 -8.99
CA ILE A 82 -0.45 0.12 -8.81
C ILE A 82 -1.10 -0.29 -10.11
N HIS A 83 -0.70 -1.44 -10.65
CA HIS A 83 -1.27 -1.90 -11.90
C HIS A 83 -2.32 -2.99 -11.71
N ARG A 84 -2.33 -3.67 -10.57
CA ARG A 84 -3.35 -4.67 -10.31
C ARG A 84 -3.44 -4.85 -8.81
N PHE A 85 -4.66 -4.76 -8.27
CA PHE A 85 -4.89 -4.92 -6.85
C PHE A 85 -6.29 -5.44 -6.64
N ILE A 86 -6.50 -6.08 -5.50
CA ILE A 86 -7.82 -6.57 -5.12
C ILE A 86 -8.10 -6.13 -3.69
N VAL A 87 -9.38 -5.98 -3.39
CA VAL A 87 -9.84 -5.64 -2.05
C VAL A 87 -10.49 -6.88 -1.45
N ASN A 88 -10.10 -7.20 -0.21
CA ASN A 88 -10.73 -8.26 0.56
CA ASN A 88 -10.71 -8.26 0.56
C ASN A 88 -11.26 -7.67 1.85
N THR A 89 -12.53 -7.95 2.15
CA THR A 89 -13.21 -7.41 3.31
C THR A 89 -13.24 -8.47 4.40
N LEU A 90 -12.68 -8.16 5.56
CA LEU A 90 -12.65 -9.12 6.66
C LEU A 90 -14.04 -9.30 7.26
N LYS A 91 -14.16 -10.30 8.13
CA LYS A 91 -15.43 -10.57 8.79
C LYS A 91 -15.87 -9.40 9.66
N ASP A 92 -14.92 -8.67 10.25
CA ASP A 92 -15.28 -7.55 11.11
C ASP A 92 -15.61 -6.29 10.34
N GLY A 93 -15.51 -6.32 9.00
CA GLY A 93 -15.89 -5.20 8.16
C GLY A 93 -14.75 -4.37 7.64
N ARG A 94 -13.54 -4.53 8.16
CA ARG A 94 -12.42 -3.74 7.67
C ARG A 94 -11.89 -4.35 6.37
N ARG A 95 -11.29 -3.50 5.55
CA ARG A 95 -10.94 -3.87 4.19
C ARG A 95 -9.43 -3.89 4.01
N VAL A 96 -8.97 -4.86 3.22
CA VAL A 96 -7.56 -5.10 2.95
C VAL A 96 -7.34 -4.88 1.45
N VAL A 97 -6.36 -4.07 1.11
CA VAL A 97 -5.98 -3.84 -0.28
C VAL A 97 -4.71 -4.64 -0.55
N ILE A 98 -4.82 -5.66 -1.40
CA ILE A 98 -3.69 -6.53 -1.72
C ILE A 98 -3.10 -6.09 -3.05
N LEU A 99 -1.84 -5.65 -3.01
CA LEU A 99 -1.15 -5.20 -4.22
C LEU A 99 -0.58 -6.41 -4.95
N MET A 100 -1.04 -6.63 -6.18
CA MET A 100 -0.62 -7.77 -6.99
CA MET A 100 -0.60 -7.77 -6.97
C MET A 100 0.44 -7.40 -8.03
N GLU A 101 0.30 -6.24 -8.67
CA GLU A 101 1.26 -5.75 -9.64
C GLU A 101 1.49 -4.28 -9.39
N LEU A 102 2.75 -3.86 -9.47
CA LEU A 102 3.10 -2.46 -9.25
CA LEU A 102 3.15 -2.49 -9.17
C LEU A 102 4.44 -2.19 -9.92
N GLU A 103 4.64 -0.92 -10.26
CA GLU A 103 5.89 -0.46 -10.84
C GLU A 103 6.43 0.70 -10.01
N VAL A 104 7.67 0.59 -9.57
CA VAL A 104 8.30 1.70 -8.85
C VAL A 104 8.65 2.78 -9.87
N LEU A 105 7.99 3.94 -9.77
CA LEU A 105 8.24 5.02 -10.71
C LEU A 105 9.48 5.82 -10.33
N LYS A 106 9.71 6.00 -9.03
CA LYS A 106 10.84 6.77 -8.54
C LYS A 106 11.32 6.14 -7.24
N SER A 107 12.63 5.86 -7.15
CA SER A 107 13.17 5.19 -6.00
C SER A 107 13.06 6.06 -4.75
N ALA A 108 13.13 5.41 -3.59
CA ALA A 108 13.11 6.14 -2.32
C ALA A 108 14.25 7.14 -2.25
N GLU A 109 15.43 6.76 -2.76
CA GLU A 109 16.59 7.65 -2.74
C GLU A 109 16.36 8.89 -3.59
N ALA A 110 15.58 8.76 -4.67
CA ALA A 110 15.32 9.91 -5.54
C ALA A 110 14.20 10.79 -5.00
N VAL A 111 13.23 10.21 -4.31
CA VAL A 111 12.15 11.00 -3.73
C VAL A 111 12.61 11.66 -2.44
N GLY A 112 13.07 10.86 -1.48
CA GLY A 112 13.77 11.33 -0.32
C GLY A 112 12.93 11.63 0.91
N VAL A 113 11.69 12.10 0.72
CA VAL A 113 10.87 12.56 1.84
C VAL A 113 9.43 12.11 1.63
N LYS A 114 8.66 12.14 2.72
CA LYS A 114 7.21 11.98 2.61
C LYS A 114 6.62 13.17 1.87
N ILE A 115 5.74 12.90 0.92
CA ILE A 115 5.19 13.93 0.06
C ILE A 115 3.93 14.50 0.72
N GLY A 116 3.90 15.82 0.88
CA GLY A 116 2.71 16.49 1.39
C GLY A 116 2.48 16.19 2.87
N ASN A 117 1.23 16.36 3.28
CA ASN A 117 0.80 16.08 4.66
C ASN A 117 -0.50 15.27 4.61
N PRO A 118 -0.45 14.03 4.15
CA PRO A 118 -1.66 13.20 4.12
C PRO A 118 -2.10 12.85 5.53
N VAL A 119 -3.41 12.68 5.70
CA VAL A 119 -4.00 12.36 6.99
C VAL A 119 -4.56 10.95 6.96
N PRO A 120 -4.58 10.24 8.08
CA PRO A 120 -5.09 8.86 8.07
C PRO A 120 -6.52 8.78 7.58
N TYR A 121 -6.77 7.83 6.68
CA TYR A 121 -8.10 7.61 6.16
C TYR A 121 -9.02 7.07 7.26
N ASN A 122 -10.26 7.57 7.30
CA ASN A 122 -11.26 7.15 8.28
C ASN A 122 -12.16 6.13 7.62
N GLU A 123 -11.90 4.85 7.89
CA GLU A 123 -12.61 3.75 7.28
C GLU A 123 -13.96 3.50 7.95
N ASP B 1 -11.47 4.20 11.56
CA ASP B 1 -10.40 3.34 11.07
C ASP B 1 -9.40 3.00 12.16
N ASN B 2 -9.78 2.09 13.06
CA ASN B 2 -8.83 1.55 14.01
C ASN B 2 -7.98 0.50 13.31
N GLY B 3 -6.66 0.66 13.39
CA GLY B 3 -5.76 -0.11 12.53
C GLY B 3 -5.89 -1.61 12.74
N ILE B 4 -5.89 -2.35 11.64
CA ILE B 4 -6.05 -3.79 11.68
C ILE B 4 -4.76 -4.43 12.18
N ASP B 5 -4.89 -5.27 13.20
CA ASP B 5 -3.75 -5.99 13.73
C ASP B 5 -3.30 -7.09 12.75
N ASP B 6 -2.03 -7.49 12.86
CA ASP B 6 -1.51 -8.56 12.01
C ASP B 6 -2.24 -9.87 12.24
N ALA B 7 -2.72 -10.10 13.47
CA ALA B 7 -3.33 -11.39 13.80
C ALA B 7 -4.54 -11.69 12.93
N TYR B 8 -5.29 -10.66 12.54
CA TYR B 8 -6.49 -10.84 11.72
C TYR B 8 -6.30 -10.32 10.30
N PHE B 9 -5.06 -10.21 9.82
CA PHE B 9 -4.81 -9.53 8.55
C PHE B 9 -4.62 -10.47 7.37
N LEU B 10 -3.89 -11.58 7.52
CA LEU B 10 -3.94 -12.60 6.48
C LEU B 10 -5.23 -13.40 6.53
N GLU B 11 -6.10 -13.12 7.49
CA GLU B 11 -7.48 -13.58 7.41
C GLU B 11 -8.03 -13.24 6.04
N ALA B 12 -8.48 -14.25 5.31
CA ALA B 12 -8.98 -14.04 3.96
C ALA B 12 -9.97 -15.13 3.58
#